data_9J3J
#
_entry.id   9J3J
#
loop_
_entity.id
_entity.type
_entity.pdbx_description
1 polymer 'ADP,ATP carrier protein 1, chloroplastic'
2 polymer 'nanobody: B-C8'
#
loop_
_entity_poly.entity_id
_entity_poly.type
_entity_poly.pdbx_seq_one_letter_code
_entity_poly.pdbx_strand_id
1 'polypeptide(L)'
;MAGAVFGEGDSAAVVASPKIFGVEVATLKKIIPLGLMFFCILFNYTILRDTKDVLVVTAKGSSAEIIPFLKTWVNLPMAI
GFMLLYTKLSNVLSKKALFYTVIVPFIIYFGAFGFVMYPLSNYIHPEALADKLLTTLGPRFMGPIAILRIWSFCLFYVMA
ELWGSVVVSVLFWGFANQITTVDEAKKFYPLFGLGANVALIFSGRTVKYFSNLRKNLGPGVDGWAVSLKAMMSIVVGMGL
AICLLYWWVNRYVPLPTRSKNKKEKPKMGTMESLKFLVSSPYIRDLATLVVAYGISINLVEVTWKSKLKAQFPSPNEYSA
FMGDFSTCTGVATFTMMLLSQYVFNKYGWGVAAKITPTVLLLTGVAFFSLILFGGPFAPLVAKLGMTPLLAAVYVGALQN
IFSKSAKYSLFDPCKEMAYIPLDEDTKVKGKAAIDVVCNPLGKSGGALIQQFMILSFGSLANSTPYLGMILLVIVTAWLA
AAKSLEGQFNSLRSEEELEKEMERASSVKIPVVSQDESGNGSLGESPSSSPEKSAPTNLVDELTSRGRGSGGLNDIFEAQ
KIEWHEGSGLEVLFQGPDYKDDDDKWSHPQFEKGGGGSGGSAWSHPQFEK
;
A
2 'polypeptide(L)'
;EVQLVESGGGLVQAGGSLRLSCAASGFPVTEHEMYWYRQAPGKEREWVAAIDSYGYTEYADSVKGRFTISRDNSKNTVYL
QMNSLKPEDTAVYYCNVKDLGAWYNDYDYWGQGTQVTVSSLE
;
B
#
# COMPACT_ATOMS: atom_id res chain seq x y z
N ALA A 16 -45.56 -2.61 8.61
CA ALA A 16 -44.40 -2.63 9.49
C ALA A 16 -43.62 -3.93 9.33
N SER A 17 -42.59 -3.90 8.50
CA SER A 17 -41.75 -5.07 8.31
C SER A 17 -41.00 -5.38 9.61
N PRO A 18 -40.65 -6.65 9.84
CA PRO A 18 -39.92 -7.00 11.06
C PRO A 18 -38.55 -6.33 11.09
N LYS A 19 -38.03 -6.14 12.30
CA LYS A 19 -36.72 -5.54 12.49
C LYS A 19 -35.93 -6.39 13.46
N ILE A 20 -34.76 -6.87 13.03
CA ILE A 20 -33.82 -7.61 13.87
C ILE A 20 -32.64 -6.70 14.17
N PHE A 21 -32.21 -6.69 15.44
CA PHE A 21 -31.08 -5.90 15.91
C PHE A 21 -31.34 -4.40 15.74
N GLY A 22 -32.60 -4.00 15.70
CA GLY A 22 -32.95 -2.61 15.51
C GLY A 22 -32.83 -2.11 14.08
N VAL A 23 -32.63 -3.00 13.12
CA VAL A 23 -32.46 -2.64 11.71
C VAL A 23 -33.51 -3.38 10.90
N GLU A 24 -34.07 -2.69 9.90
CA GLU A 24 -35.09 -3.29 9.05
C GLU A 24 -34.52 -4.48 8.28
N VAL A 25 -35.37 -5.47 8.04
CA VAL A 25 -34.92 -6.70 7.37
C VAL A 25 -34.46 -6.41 5.95
N ALA A 26 -35.06 -5.43 5.28
CA ALA A 26 -34.64 -5.11 3.92
C ALA A 26 -33.23 -4.52 3.90
N THR A 27 -32.97 -3.56 4.79
CA THR A 27 -31.63 -2.99 4.88
C THR A 27 -30.62 -4.05 5.30
N LEU A 28 -31.02 -4.94 6.22
CA LEU A 28 -30.15 -6.02 6.65
C LEU A 28 -29.83 -6.95 5.47
N LYS A 29 -30.85 -7.24 4.66
CA LYS A 29 -30.74 -8.09 3.48
C LYS A 29 -29.89 -7.46 2.40
N LYS A 30 -29.80 -6.13 2.36
CA LYS A 30 -28.90 -5.48 1.42
C LYS A 30 -27.50 -5.29 1.98
N ILE A 31 -27.34 -5.29 3.30
CA ILE A 31 -26.04 -4.99 3.90
C ILE A 31 -25.21 -6.25 4.15
N ILE A 32 -25.82 -7.35 4.63
CA ILE A 32 -25.05 -8.59 4.83
C ILE A 32 -24.38 -9.07 3.54
N PRO A 33 -25.06 -9.18 2.40
CA PRO A 33 -24.34 -9.55 1.18
C PRO A 33 -23.27 -8.57 0.79
N LEU A 34 -23.46 -7.27 1.04
CA LEU A 34 -22.40 -6.29 0.76
C LEU A 34 -21.19 -6.54 1.66
N GLY A 35 -21.41 -6.79 2.94
CA GLY A 35 -20.30 -7.10 3.83
C GLY A 35 -19.58 -8.37 3.45
N LEU A 36 -20.33 -9.39 3.04
CA LEU A 36 -19.72 -10.63 2.57
C LEU A 36 -18.91 -10.40 1.29
N MET A 37 -19.45 -9.59 0.38
CA MET A 37 -18.71 -9.26 -0.84
C MET A 37 -17.40 -8.56 -0.51
N PHE A 38 -17.43 -7.60 0.42
CA PHE A 38 -16.22 -6.85 0.74
C PHE A 38 -15.21 -7.74 1.47
N PHE A 39 -15.72 -8.64 2.33
CA PHE A 39 -14.87 -9.65 2.97
C PHE A 39 -14.16 -10.50 1.92
N CYS A 40 -14.91 -11.04 0.96
CA CYS A 40 -14.31 -11.91 -0.06
C CYS A 40 -13.34 -11.12 -0.92
N ILE A 41 -13.70 -9.88 -1.27
CA ILE A 41 -12.85 -9.07 -2.13
C ILE A 41 -11.50 -8.80 -1.46
N LEU A 42 -11.53 -8.43 -0.18
CA LEU A 42 -10.25 -8.17 0.49
C LEU A 42 -9.52 -9.46 0.86
N PHE A 43 -10.24 -10.57 1.05
CA PHE A 43 -9.59 -11.87 1.18
C PHE A 43 -8.74 -12.17 -0.06
N ASN A 44 -9.36 -12.06 -1.23
CA ASN A 44 -8.63 -12.23 -2.48
C ASN A 44 -7.53 -11.19 -2.62
N TYR A 45 -7.80 -9.95 -2.21
CA TYR A 45 -6.80 -8.89 -2.34
C TYR A 45 -5.54 -9.21 -1.55
N THR A 46 -5.70 -9.66 -0.29
CA THR A 46 -4.52 -10.01 0.51
C THR A 46 -3.82 -11.23 -0.05
N ILE A 47 -4.59 -12.26 -0.45
CA ILE A 47 -3.96 -13.47 -1.00
C ILE A 47 -3.12 -13.11 -2.23
N LEU A 48 -3.67 -12.31 -3.14
CA LEU A 48 -2.95 -11.93 -4.34
C LEU A 48 -1.79 -10.99 -4.02
N ARG A 49 -1.99 -10.06 -3.08
CA ARG A 49 -0.94 -9.11 -2.73
C ARG A 49 0.28 -9.79 -2.15
N ASP A 50 0.09 -10.94 -1.49
CA ASP A 50 1.26 -11.70 -1.05
C ASP A 50 1.76 -12.67 -2.13
N THR A 51 0.86 -13.28 -2.88
CA THR A 51 1.26 -14.27 -3.88
C THR A 51 2.08 -13.63 -4.98
N LYS A 52 1.69 -12.45 -5.43
CA LYS A 52 2.37 -11.81 -6.55
C LYS A 52 3.84 -11.52 -6.24
N ASP A 53 4.15 -10.99 -5.06
CA ASP A 53 5.54 -10.67 -4.79
C ASP A 53 6.33 -11.90 -4.32
N VAL A 54 5.67 -12.90 -3.73
CA VAL A 54 6.42 -14.13 -3.44
C VAL A 54 6.57 -15.02 -4.66
N LEU A 55 5.88 -14.68 -5.75
CA LEU A 55 5.90 -15.43 -7.01
C LEU A 55 6.82 -14.85 -8.06
N VAL A 56 6.74 -13.53 -8.29
CA VAL A 56 7.55 -12.92 -9.34
C VAL A 56 9.04 -12.98 -9.02
N VAL A 57 9.41 -13.13 -7.75
CA VAL A 57 10.82 -13.23 -7.41
C VAL A 57 11.31 -14.67 -7.39
N THR A 58 10.45 -15.62 -7.02
CA THR A 58 10.82 -17.04 -7.02
C THR A 58 10.34 -17.68 -8.33
N ALA A 59 10.90 -17.19 -9.43
CA ALA A 59 10.61 -17.68 -10.76
C ALA A 59 11.88 -18.23 -11.39
N LYS A 60 11.72 -19.24 -12.24
CA LYS A 60 12.87 -19.86 -12.91
C LYS A 60 13.38 -18.90 -13.98
N GLY A 61 14.23 -17.98 -13.53
CA GLY A 61 14.72 -16.91 -14.38
C GLY A 61 13.96 -15.64 -14.11
N SER A 62 14.52 -14.74 -13.31
CA SER A 62 13.80 -13.53 -12.91
C SER A 62 14.82 -12.51 -12.42
N SER A 63 14.84 -11.34 -13.04
CA SER A 63 15.71 -10.26 -12.59
C SER A 63 15.10 -9.57 -11.38
N ALA A 64 15.96 -9.07 -10.49
CA ALA A 64 15.48 -8.39 -9.29
C ALA A 64 14.94 -6.99 -9.61
N GLU A 65 15.20 -6.47 -10.80
CA GLU A 65 14.67 -5.18 -11.24
C GLU A 65 13.40 -5.36 -12.06
N ILE A 66 12.64 -6.43 -11.79
CA ILE A 66 11.42 -6.71 -12.53
C ILE A 66 10.23 -6.15 -11.78
N ILE A 67 10.33 -6.05 -10.45
CA ILE A 67 9.23 -5.49 -9.67
C ILE A 67 9.33 -3.97 -9.73
N PRO A 68 10.53 -3.35 -9.58
CA PRO A 68 10.58 -1.88 -9.73
C PRO A 68 10.05 -1.39 -11.06
N PHE A 69 10.39 -2.07 -12.16
CA PHE A 69 9.91 -1.64 -13.47
C PHE A 69 8.39 -1.72 -13.55
N LEU A 70 7.80 -2.73 -12.91
CA LEU A 70 6.34 -2.82 -12.85
C LEU A 70 5.73 -1.82 -11.88
N LYS A 71 6.51 -1.28 -10.94
CA LYS A 71 5.99 -0.24 -10.07
C LYS A 71 6.13 1.14 -10.64
N THR A 72 7.12 1.37 -11.50
CA THR A 72 7.39 2.70 -12.03
C THR A 72 6.68 2.92 -13.37
N TRP A 73 6.93 2.04 -14.34
CA TRP A 73 6.55 2.30 -15.72
C TRP A 73 5.36 1.47 -16.20
N VAL A 74 4.85 0.55 -15.37
CA VAL A 74 3.77 -0.33 -15.81
C VAL A 74 2.51 -0.07 -15.01
N ASN A 75 2.66 0.21 -13.71
CA ASN A 75 1.50 0.38 -12.83
C ASN A 75 0.63 1.55 -13.28
N LEU A 76 1.21 2.75 -13.33
CA LEU A 76 0.48 3.97 -13.67
C LEU A 76 -0.09 3.96 -15.08
N PRO A 77 0.69 3.59 -16.11
CA PRO A 77 0.08 3.48 -17.45
C PRO A 77 -1.06 2.48 -17.52
N MET A 78 -0.94 1.35 -16.81
CA MET A 78 -2.03 0.39 -16.78
C MET A 78 -3.27 0.97 -16.11
N ALA A 79 -3.07 1.72 -15.02
CA ALA A 79 -4.20 2.37 -14.36
C ALA A 79 -4.89 3.37 -15.28
N ILE A 80 -4.10 4.18 -15.99
CA ILE A 80 -4.67 5.18 -16.89
C ILE A 80 -5.44 4.49 -18.03
N GLY A 81 -4.85 3.42 -18.59
CA GLY A 81 -5.53 2.68 -19.63
C GLY A 81 -6.82 2.03 -19.14
N PHE A 82 -6.81 1.53 -17.91
CA PHE A 82 -8.05 0.96 -17.38
C PHE A 82 -9.10 2.04 -17.15
N MET A 83 -8.67 3.24 -16.75
CA MET A 83 -9.63 4.35 -16.65
C MET A 83 -10.29 4.63 -17.99
N LEU A 84 -9.49 4.76 -19.05
CA LEU A 84 -10.05 5.00 -20.38
C LEU A 84 -10.94 3.85 -20.84
N LEU A 85 -10.55 2.60 -20.57
CA LEU A 85 -11.38 1.47 -20.98
C LEU A 85 -12.70 1.44 -20.22
N TYR A 86 -12.65 1.67 -18.90
CA TYR A 86 -13.83 1.59 -18.07
C TYR A 86 -14.81 2.70 -18.40
N THR A 87 -14.33 3.88 -18.76
CA THR A 87 -15.25 4.96 -19.15
C THR A 87 -16.14 4.52 -20.32
N LYS A 88 -15.53 4.02 -21.39
CA LYS A 88 -16.32 3.63 -22.55
C LYS A 88 -17.14 2.39 -22.27
N LEU A 89 -16.62 1.46 -21.46
CA LEU A 89 -17.39 0.28 -21.10
C LEU A 89 -18.67 0.66 -20.35
N SER A 90 -18.55 1.58 -19.38
CA SER A 90 -19.73 2.07 -18.68
C SER A 90 -20.64 2.84 -19.63
N ASN A 91 -20.08 3.47 -20.66
CA ASN A 91 -20.89 4.17 -21.64
C ASN A 91 -21.68 3.21 -22.52
N VAL A 92 -21.17 2.00 -22.75
CA VAL A 92 -21.80 1.07 -23.68
C VAL A 92 -22.35 -0.17 -22.99
N LEU A 93 -22.34 -0.21 -21.66
CA LEU A 93 -22.83 -1.38 -20.94
C LEU A 93 -23.67 -0.94 -19.75
N SER A 94 -24.57 -1.84 -19.33
CA SER A 94 -25.38 -1.60 -18.15
C SER A 94 -24.53 -1.79 -16.89
N LYS A 95 -25.16 -1.58 -15.73
CA LYS A 95 -24.44 -1.69 -14.47
C LYS A 95 -23.98 -3.13 -14.22
N LYS A 96 -24.90 -4.08 -14.29
CA LYS A 96 -24.56 -5.47 -14.03
C LYS A 96 -23.61 -6.01 -15.09
N ALA A 97 -23.86 -5.68 -16.36
CA ALA A 97 -22.98 -6.13 -17.43
C ALA A 97 -21.57 -5.58 -17.24
N LEU A 98 -21.46 -4.31 -16.85
CA LEU A 98 -20.13 -3.74 -16.61
C LEU A 98 -19.44 -4.40 -15.43
N PHE A 99 -20.16 -4.63 -14.33
CA PHE A 99 -19.58 -5.30 -13.18
C PHE A 99 -19.02 -6.66 -13.56
N TYR A 100 -19.83 -7.46 -14.26
CA TYR A 100 -19.36 -8.79 -14.65
C TYR A 100 -18.22 -8.72 -15.66
N THR A 101 -18.33 -7.81 -16.64
CA THR A 101 -17.27 -7.64 -17.64
C THR A 101 -15.95 -7.27 -16.99
N VAL A 102 -15.98 -6.56 -15.87
CA VAL A 102 -14.74 -6.18 -15.20
C VAL A 102 -14.24 -7.30 -14.28
N ILE A 103 -15.13 -7.97 -13.55
CA ILE A 103 -14.65 -8.88 -12.49
C ILE A 103 -14.40 -10.29 -13.02
N VAL A 104 -15.25 -10.80 -13.93
CA VAL A 104 -15.08 -12.18 -14.41
C VAL A 104 -13.73 -12.40 -15.04
N PRO A 105 -13.19 -11.49 -15.87
CA PRO A 105 -11.82 -11.71 -16.37
C PRO A 105 -10.78 -11.91 -15.28
N PHE A 106 -10.86 -11.16 -14.18
CA PHE A 106 -9.92 -11.35 -13.07
C PHE A 106 -10.04 -12.75 -12.50
N ILE A 107 -11.26 -13.20 -12.24
CA ILE A 107 -11.47 -14.49 -11.60
C ILE A 107 -10.99 -15.62 -12.51
N ILE A 108 -11.36 -15.55 -13.79
CA ILE A 108 -10.96 -16.61 -14.71
C ILE A 108 -9.45 -16.59 -14.93
N TYR A 109 -8.83 -15.40 -14.97
CA TYR A 109 -7.39 -15.33 -15.11
C TYR A 109 -6.68 -15.94 -13.92
N PHE A 110 -7.14 -15.63 -12.71
CA PHE A 110 -6.48 -16.19 -11.53
C PHE A 110 -6.66 -17.69 -11.44
N GLY A 111 -7.84 -18.20 -11.81
CA GLY A 111 -8.03 -19.64 -11.85
C GLY A 111 -7.14 -20.32 -12.88
N ALA A 112 -7.10 -19.76 -14.10
CA ALA A 112 -6.27 -20.33 -15.14
C ALA A 112 -4.79 -20.27 -14.77
N PHE A 113 -4.37 -19.18 -14.12
CA PHE A 113 -2.98 -19.07 -13.67
C PHE A 113 -2.68 -20.12 -12.62
N GLY A 114 -3.57 -20.32 -11.66
CA GLY A 114 -3.34 -21.33 -10.65
C GLY A 114 -3.30 -22.74 -11.20
N PHE A 115 -4.09 -23.01 -12.25
CA PHE A 115 -4.25 -24.38 -12.72
C PHE A 115 -3.62 -24.67 -14.07
N VAL A 116 -3.38 -23.67 -14.91
CA VAL A 116 -2.83 -23.92 -16.24
C VAL A 116 -1.56 -23.12 -16.46
N MET A 117 -1.63 -21.80 -16.24
CA MET A 117 -0.52 -20.94 -16.62
C MET A 117 0.71 -21.17 -15.74
N TYR A 118 0.52 -21.48 -14.46
CA TYR A 118 1.70 -21.76 -13.65
C TYR A 118 2.24 -23.16 -13.92
N PRO A 119 1.42 -24.22 -13.94
CA PRO A 119 1.98 -25.54 -14.30
C PRO A 119 2.63 -25.55 -15.67
N LEU A 120 2.02 -24.90 -16.66
CA LEU A 120 2.62 -24.76 -17.98
C LEU A 120 3.35 -23.42 -18.12
N SER A 121 4.23 -23.12 -17.17
CA SER A 121 4.98 -21.87 -17.22
C SER A 121 6.23 -22.01 -18.08
N ASN A 122 6.85 -23.19 -18.10
CA ASN A 122 8.00 -23.41 -18.96
C ASN A 122 7.62 -23.40 -20.43
N TYR A 123 6.33 -23.56 -20.74
CA TYR A 123 5.88 -23.67 -22.13
C TYR A 123 5.48 -22.33 -22.72
N ILE A 124 4.80 -21.48 -21.93
CA ILE A 124 4.29 -20.21 -22.46
C ILE A 124 5.30 -19.07 -22.35
N HIS A 125 6.35 -19.23 -21.56
CA HIS A 125 7.34 -18.16 -21.39
C HIS A 125 8.37 -18.23 -22.51
N PRO A 126 8.62 -17.11 -23.20
CA PRO A 126 9.59 -17.11 -24.32
C PRO A 126 11.03 -16.92 -23.84
N GLU A 127 11.54 -17.93 -23.13
CA GLU A 127 12.94 -17.89 -22.69
C GLU A 127 13.90 -17.93 -23.87
N ALA A 128 13.57 -18.72 -24.89
CA ALA A 128 14.41 -18.82 -26.07
C ALA A 128 14.34 -17.58 -26.96
N LEU A 129 13.39 -16.68 -26.73
CA LEU A 129 13.29 -15.45 -27.49
C LEU A 129 13.88 -14.26 -26.76
N ALA A 130 13.63 -14.12 -25.45
CA ALA A 130 14.20 -13.01 -24.71
C ALA A 130 15.58 -13.34 -24.14
N ASP A 131 16.42 -13.95 -24.96
CA ASP A 131 17.87 -13.96 -24.89
C ASP A 131 18.48 -13.64 -26.24
N LYS A 132 17.86 -14.13 -27.32
CA LYS A 132 18.14 -13.61 -28.67
C LYS A 132 17.97 -12.10 -28.72
N LEU A 133 16.83 -11.61 -28.24
CA LEU A 133 16.59 -10.17 -28.22
C LEU A 133 17.42 -9.48 -27.16
N LEU A 134 17.92 -10.21 -26.17
CA LEU A 134 18.86 -9.64 -25.21
C LEU A 134 20.26 -9.51 -25.79
N THR A 135 20.67 -10.41 -26.69
CA THR A 135 21.87 -10.15 -27.48
C THR A 135 21.61 -9.10 -28.54
N THR A 136 20.35 -8.88 -28.91
CA THR A 136 20.03 -7.83 -29.87
C THR A 136 20.03 -6.45 -29.21
N LEU A 137 19.34 -6.32 -28.07
CA LEU A 137 19.25 -5.07 -27.35
C LEU A 137 20.18 -5.09 -26.14
N GLY A 138 20.87 -3.96 -25.91
CA GLY A 138 21.89 -3.87 -24.89
C GLY A 138 21.40 -4.14 -23.49
N PRO A 139 22.34 -4.29 -22.55
CA PRO A 139 21.95 -4.59 -21.16
C PRO A 139 21.12 -3.51 -20.51
N ARG A 140 21.17 -2.27 -21.00
CA ARG A 140 20.31 -1.22 -20.47
C ARG A 140 18.83 -1.57 -20.63
N PHE A 141 18.49 -2.40 -21.60
CA PHE A 141 17.13 -2.87 -21.80
C PHE A 141 16.84 -4.14 -21.00
N MET A 142 17.63 -4.43 -19.96
CA MET A 142 17.35 -5.59 -19.11
C MET A 142 15.97 -5.51 -18.48
N GLY A 143 15.42 -4.30 -18.32
CA GLY A 143 14.11 -4.13 -17.72
C GLY A 143 13.02 -4.82 -18.51
N PRO A 144 12.68 -4.30 -19.70
CA PRO A 144 11.57 -4.90 -20.45
C PRO A 144 11.79 -6.37 -20.79
N ILE A 145 13.00 -6.74 -21.22
CA ILE A 145 13.30 -8.13 -21.51
C ILE A 145 12.84 -9.04 -20.39
N ALA A 146 13.18 -8.68 -19.14
CA ALA A 146 12.82 -9.48 -17.99
C ALA A 146 11.33 -9.80 -17.99
N ILE A 147 10.48 -8.78 -18.16
CA ILE A 147 9.04 -9.04 -18.15
C ILE A 147 8.67 -10.08 -19.20
N LEU A 148 9.17 -9.91 -20.42
CA LEU A 148 8.87 -10.87 -21.47
C LEU A 148 9.18 -12.27 -20.96
N ARG A 149 10.37 -12.41 -20.38
CA ARG A 149 10.86 -13.72 -19.96
C ARG A 149 9.91 -14.40 -18.98
N ILE A 150 9.19 -13.63 -18.16
CA ILE A 150 8.19 -14.19 -17.25
C ILE A 150 6.84 -13.48 -17.40
N TRP A 151 6.52 -13.02 -18.61
CA TRP A 151 5.28 -12.27 -18.88
C TRP A 151 4.09 -12.74 -18.04
N SER A 152 3.81 -14.05 -18.05
CA SER A 152 2.69 -14.58 -17.29
C SER A 152 2.70 -14.08 -15.86
N PHE A 153 3.75 -14.43 -15.10
CA PHE A 153 3.85 -13.97 -13.73
C PHE A 153 3.74 -12.45 -13.63
N CYS A 154 4.43 -11.72 -14.52
CA CYS A 154 4.33 -10.27 -14.48
C CYS A 154 2.89 -9.82 -14.66
N LEU A 155 2.20 -10.41 -15.64
CA LEU A 155 0.78 -10.08 -15.81
C LEU A 155 0.03 -10.35 -14.53
N PHE A 156 0.27 -11.51 -13.91
CA PHE A 156 -0.31 -11.80 -12.60
C PHE A 156 -0.07 -10.64 -11.65
N TYR A 157 1.19 -10.24 -11.49
CA TYR A 157 1.51 -9.09 -10.66
C TYR A 157 0.61 -7.92 -10.99
N VAL A 158 0.64 -7.49 -12.27
CA VAL A 158 -0.17 -6.35 -12.67
C VAL A 158 -1.62 -6.58 -12.31
N MET A 159 -2.15 -7.76 -12.69
CA MET A 159 -3.56 -8.01 -12.45
C MET A 159 -3.86 -7.94 -10.96
N ALA A 160 -2.98 -8.52 -10.13
CA ALA A 160 -3.18 -8.43 -8.69
C ALA A 160 -3.26 -6.98 -8.25
N GLU A 161 -2.28 -6.16 -8.64
CA GLU A 161 -2.39 -4.73 -8.38
C GLU A 161 -3.72 -4.18 -8.85
N LEU A 162 -4.10 -4.48 -10.10
CA LEU A 162 -5.33 -3.92 -10.62
C LEU A 162 -6.51 -4.36 -9.78
N TRP A 163 -6.50 -5.62 -9.31
CA TRP A 163 -7.59 -6.07 -8.45
C TRP A 163 -7.71 -5.14 -7.25
N GLY A 164 -6.61 -4.92 -6.54
CA GLY A 164 -6.65 -4.06 -5.37
C GLY A 164 -7.03 -2.63 -5.72
N SER A 165 -6.78 -2.22 -6.95
CA SER A 165 -7.13 -0.87 -7.36
C SER A 165 -8.55 -0.78 -7.90
N VAL A 166 -9.09 -1.88 -8.43
CA VAL A 166 -10.32 -1.84 -9.21
C VAL A 166 -11.46 -2.58 -8.51
N VAL A 167 -11.28 -3.88 -8.26
CA VAL A 167 -12.34 -4.66 -7.65
C VAL A 167 -12.63 -4.17 -6.24
N VAL A 168 -11.58 -3.78 -5.51
CA VAL A 168 -11.77 -3.26 -4.14
C VAL A 168 -12.48 -1.92 -4.18
N SER A 169 -11.98 -0.99 -5.02
CA SER A 169 -12.45 0.40 -4.97
C SER A 169 -13.56 0.68 -5.98
N VAL A 170 -13.26 0.51 -7.27
CA VAL A 170 -14.22 0.90 -8.29
C VAL A 170 -15.42 -0.04 -8.29
N LEU A 171 -15.16 -1.34 -8.44
CA LEU A 171 -16.26 -2.31 -8.56
C LEU A 171 -17.11 -2.32 -7.30
N PHE A 172 -16.54 -2.73 -6.17
CA PHE A 172 -17.33 -2.91 -4.96
C PHE A 172 -17.94 -1.60 -4.49
N TRP A 173 -17.13 -0.56 -4.34
CA TRP A 173 -17.66 0.67 -3.76
C TRP A 173 -18.57 1.39 -4.73
N GLY A 174 -18.36 1.23 -6.03
CA GLY A 174 -19.34 1.71 -6.99
C GLY A 174 -20.68 1.01 -6.84
N PHE A 175 -20.66 -0.30 -6.68
CA PHE A 175 -21.90 -1.04 -6.41
C PHE A 175 -22.55 -0.55 -5.12
N ALA A 176 -21.76 -0.36 -4.07
CA ALA A 176 -22.31 0.08 -2.79
C ALA A 176 -22.94 1.45 -2.91
N ASN A 177 -22.21 2.42 -3.45
CA ASN A 177 -22.76 3.76 -3.65
C ASN A 177 -23.93 3.76 -4.60
N GLN A 178 -24.02 2.78 -5.50
CA GLN A 178 -25.16 2.66 -6.39
C GLN A 178 -26.40 2.16 -5.65
N ILE A 179 -26.21 1.27 -4.69
CA ILE A 179 -27.37 0.66 -4.02
C ILE A 179 -27.62 1.24 -2.63
N THR A 180 -26.64 1.86 -2.00
CA THR A 180 -26.77 2.38 -0.65
C THR A 180 -27.07 3.87 -0.69
N THR A 181 -27.96 4.32 0.20
CA THR A 181 -28.22 5.73 0.39
C THR A 181 -27.14 6.33 1.29
N VAL A 182 -27.21 7.65 1.48
CA VAL A 182 -26.24 8.31 2.35
C VAL A 182 -26.46 7.92 3.82
N ASP A 183 -27.71 7.79 4.24
CA ASP A 183 -27.99 7.42 5.64
C ASP A 183 -27.49 6.02 5.94
N GLU A 184 -27.86 5.04 5.11
CA GLU A 184 -27.38 3.68 5.30
C GLU A 184 -25.86 3.61 5.18
N ALA A 185 -25.26 4.51 4.39
CA ALA A 185 -23.81 4.52 4.26
C ALA A 185 -23.15 5.02 5.54
N LYS A 186 -23.69 6.10 6.13
CA LYS A 186 -23.22 6.50 7.46
C LYS A 186 -23.38 5.36 8.46
N LYS A 187 -24.47 4.61 8.37
CA LYS A 187 -24.75 3.61 9.38
C LYS A 187 -23.90 2.35 9.21
N PHE A 188 -23.49 2.01 7.98
CA PHE A 188 -22.94 0.68 7.71
C PHE A 188 -21.56 0.66 7.04
N TYR A 189 -20.98 1.80 6.68
CA TYR A 189 -19.68 1.75 6.02
C TYR A 189 -18.55 1.44 6.99
N PRO A 190 -18.52 2.01 8.21
CA PRO A 190 -17.52 1.53 9.19
C PRO A 190 -17.67 0.05 9.52
N LEU A 191 -18.89 -0.47 9.56
CA LEU A 191 -19.10 -1.90 9.75
C LEU A 191 -18.71 -2.71 8.53
N PHE A 192 -18.41 -2.07 7.40
CA PHE A 192 -17.73 -2.78 6.33
C PHE A 192 -16.23 -2.86 6.58
N GLY A 193 -15.63 -1.79 7.11
CA GLY A 193 -14.24 -1.85 7.50
C GLY A 193 -13.99 -2.86 8.62
N LEU A 194 -14.95 -2.99 9.52
CA LEU A 194 -14.94 -4.09 10.48
C LEU A 194 -15.51 -5.31 9.78
N GLY A 195 -14.66 -6.26 9.43
CA GLY A 195 -15.00 -7.27 8.45
C GLY A 195 -14.01 -7.19 7.33
N ALA A 196 -13.68 -5.97 6.88
CA ALA A 196 -12.49 -5.78 6.05
C ALA A 196 -11.24 -6.19 6.80
N ASN A 197 -11.11 -5.71 8.05
CA ASN A 197 -9.97 -6.10 8.87
C ASN A 197 -9.98 -7.59 9.18
N VAL A 198 -11.17 -8.16 9.37
CA VAL A 198 -11.27 -9.60 9.60
C VAL A 198 -10.86 -10.37 8.35
N ALA A 199 -11.21 -9.85 7.17
CA ALA A 199 -10.76 -10.46 5.92
C ALA A 199 -9.24 -10.42 5.81
N LEU A 200 -8.63 -9.28 6.16
CA LEU A 200 -7.18 -9.19 6.14
C LEU A 200 -6.56 -10.18 7.12
N ILE A 201 -7.12 -10.30 8.32
CA ILE A 201 -6.58 -11.23 9.32
C ILE A 201 -6.67 -12.66 8.82
N PHE A 202 -7.86 -13.07 8.36
CA PHE A 202 -8.05 -14.45 7.94
C PHE A 202 -7.26 -14.77 6.68
N SER A 203 -7.12 -13.83 5.76
CA SER A 203 -6.33 -14.08 4.56
C SER A 203 -4.84 -14.14 4.90
N GLY A 204 -4.38 -13.33 5.86
CA GLY A 204 -3.01 -13.48 6.32
C GLY A 204 -2.76 -14.84 6.96
N ARG A 205 -3.71 -15.30 7.77
CA ARG A 205 -3.58 -16.65 8.34
C ARG A 205 -3.62 -17.72 7.25
N THR A 206 -4.43 -17.53 6.22
CA THR A 206 -4.47 -18.47 5.10
C THR A 206 -3.15 -18.51 4.36
N VAL A 207 -2.56 -17.33 4.08
CA VAL A 207 -1.26 -17.28 3.42
C VAL A 207 -0.19 -17.93 4.27
N LYS A 208 -0.22 -17.70 5.59
CA LYS A 208 0.72 -18.35 6.49
C LYS A 208 0.53 -19.87 6.49
N TYR A 209 -0.73 -20.32 6.51
CA TYR A 209 -1.00 -21.76 6.49
C TYR A 209 -0.45 -22.40 5.23
N PHE A 210 -0.66 -21.76 4.08
CA PHE A 210 -0.17 -22.37 2.85
C PHE A 210 1.34 -22.23 2.69
N SER A 211 1.93 -21.17 3.24
CA SER A 211 3.39 -21.07 3.28
C SER A 211 3.98 -22.23 4.09
N ASN A 212 3.38 -22.53 5.25
CA ASN A 212 3.84 -23.66 6.04
C ASN A 212 3.57 -24.98 5.33
N LEU A 213 2.39 -25.11 4.71
CA LEU A 213 2.05 -26.35 4.00
C LEU A 213 2.99 -26.62 2.84
N ARG A 214 3.50 -25.57 2.20
CA ARG A 214 4.48 -25.73 1.13
C ARG A 214 5.70 -26.49 1.62
N LYS A 215 6.01 -26.41 2.91
CA LYS A 215 7.17 -27.07 3.50
C LYS A 215 6.82 -28.37 4.21
N ASN A 216 5.65 -28.44 4.85
CA ASN A 216 5.31 -29.62 5.64
C ASN A 216 5.08 -30.86 4.78
N LEU A 217 4.56 -30.69 3.57
CA LEU A 217 4.33 -31.84 2.71
C LEU A 217 5.66 -32.46 2.29
N GLY A 218 5.63 -33.77 2.08
CA GLY A 218 6.84 -34.55 1.90
C GLY A 218 7.58 -34.26 0.61
N PRO A 219 8.72 -34.92 0.42
CA PRO A 219 9.55 -34.66 -0.76
C PRO A 219 8.92 -35.24 -2.02
N GLY A 220 9.46 -34.82 -3.15
CA GLY A 220 8.97 -35.26 -4.44
C GLY A 220 7.73 -34.55 -4.92
N VAL A 221 7.20 -33.60 -4.15
CA VAL A 221 5.99 -32.87 -4.48
C VAL A 221 6.34 -31.40 -4.57
N ASP A 222 5.87 -30.74 -5.63
CA ASP A 222 6.09 -29.30 -5.77
C ASP A 222 5.19 -28.56 -4.80
N GLY A 223 5.68 -28.34 -3.58
CA GLY A 223 4.85 -27.74 -2.54
C GLY A 223 4.36 -26.35 -2.91
N TRP A 224 5.19 -25.56 -3.58
CA TRP A 224 4.78 -24.24 -4.03
C TRP A 224 3.65 -24.34 -5.05
N ALA A 225 3.71 -25.35 -5.93
CA ALA A 225 2.63 -25.53 -6.90
C ALA A 225 1.32 -25.88 -6.21
N VAL A 226 1.36 -26.77 -5.21
CA VAL A 226 0.14 -27.15 -4.49
C VAL A 226 -0.41 -25.96 -3.72
N SER A 227 0.48 -25.20 -3.05
CA SER A 227 0.02 -24.03 -2.31
C SER A 227 -0.59 -22.99 -3.22
N LEU A 228 0.02 -22.77 -4.40
CA LEU A 228 -0.53 -21.81 -5.35
C LEU A 228 -1.87 -22.28 -5.90
N LYS A 229 -1.99 -23.58 -6.20
CA LYS A 229 -3.26 -24.11 -6.67
C LYS A 229 -4.35 -23.93 -5.63
N ALA A 230 -4.04 -24.20 -4.36
CA ALA A 230 -5.04 -24.05 -3.31
C ALA A 230 -5.40 -22.58 -3.09
N MET A 231 -4.41 -21.69 -3.11
CA MET A 231 -4.69 -20.26 -2.92
C MET A 231 -5.52 -19.71 -4.06
N MET A 232 -5.22 -20.11 -5.31
CA MET A 232 -6.02 -19.65 -6.42
C MET A 232 -7.40 -20.30 -6.43
N SER A 233 -7.51 -21.52 -5.91
CA SER A 233 -8.84 -22.12 -5.73
C SER A 233 -9.67 -21.31 -4.74
N ILE A 234 -9.05 -20.86 -3.65
CA ILE A 234 -9.74 -19.98 -2.72
C ILE A 234 -10.09 -18.65 -3.39
N VAL A 235 -9.19 -18.14 -4.23
CA VAL A 235 -9.45 -16.89 -4.93
C VAL A 235 -10.68 -17.01 -5.82
N VAL A 236 -10.75 -18.09 -6.60
CA VAL A 236 -11.89 -18.26 -7.50
C VAL A 236 -13.16 -18.62 -6.72
N GLY A 237 -13.02 -19.31 -5.59
CA GLY A 237 -14.20 -19.57 -4.77
C GLY A 237 -14.79 -18.29 -4.21
N MET A 238 -13.93 -17.40 -3.70
CA MET A 238 -14.41 -16.11 -3.23
C MET A 238 -14.91 -15.24 -4.38
N GLY A 239 -14.32 -15.37 -5.56
CA GLY A 239 -14.82 -14.63 -6.71
C GLY A 239 -16.20 -15.09 -7.15
N LEU A 240 -16.42 -16.40 -7.18
CA LEU A 240 -17.77 -16.92 -7.45
C LEU A 240 -18.74 -16.51 -6.36
N ALA A 241 -18.28 -16.45 -5.11
CA ALA A 241 -19.12 -15.94 -4.03
C ALA A 241 -19.48 -14.47 -4.28
N ILE A 242 -18.52 -13.68 -4.74
CA ILE A 242 -18.78 -12.27 -5.04
C ILE A 242 -19.81 -12.15 -6.15
N CYS A 243 -19.66 -12.94 -7.22
CA CYS A 243 -20.61 -12.89 -8.32
C CYS A 243 -22.00 -13.33 -7.87
N LEU A 244 -22.08 -14.39 -7.08
CA LEU A 244 -23.37 -14.87 -6.59
C LEU A 244 -24.04 -13.84 -5.69
N LEU A 245 -23.26 -13.20 -4.81
CA LEU A 245 -23.83 -12.17 -3.94
C LEU A 245 -24.27 -10.94 -4.75
N TYR A 246 -23.50 -10.58 -5.78
CA TYR A 246 -23.91 -9.48 -6.66
C TYR A 246 -25.24 -9.80 -7.33
N TRP A 247 -25.36 -11.02 -7.87
CA TRP A 247 -26.60 -11.44 -8.51
C TRP A 247 -27.76 -11.44 -7.50
N TRP A 248 -27.50 -11.91 -6.27
CA TRP A 248 -28.54 -11.95 -5.26
C TRP A 248 -29.01 -10.55 -4.90
N VAL A 249 -28.08 -9.60 -4.72
CA VAL A 249 -28.48 -8.25 -4.38
C VAL A 249 -29.22 -7.59 -5.53
N ASN A 250 -28.78 -7.85 -6.76
CA ASN A 250 -29.42 -7.23 -7.91
C ASN A 250 -30.78 -7.85 -8.23
N ARG A 251 -31.05 -9.07 -7.78
CA ARG A 251 -32.33 -9.71 -8.06
C ARG A 251 -33.33 -9.62 -6.92
N TYR A 252 -32.94 -10.00 -5.70
CA TYR A 252 -33.86 -10.16 -4.58
C TYR A 252 -33.73 -9.04 -3.55
N VAL A 253 -33.24 -7.86 -3.94
CA VAL A 253 -33.16 -6.72 -3.06
C VAL A 253 -33.73 -5.51 -3.78
N PRO A 254 -34.84 -4.93 -3.31
CA PRO A 254 -35.37 -3.71 -3.95
C PRO A 254 -34.42 -2.55 -3.77
N LEU A 255 -33.95 -2.00 -4.88
CA LEU A 255 -32.91 -1.00 -4.79
C LEU A 255 -33.47 0.39 -5.08
N PRO A 256 -32.92 1.45 -4.50
CA PRO A 256 -33.39 2.79 -4.83
C PRO A 256 -33.14 3.09 -6.30
N THR A 257 -34.18 3.53 -6.99
CA THR A 257 -34.07 3.60 -8.45
C THR A 257 -33.20 4.78 -8.89
N ARG A 258 -33.68 6.02 -8.71
CA ARG A 258 -32.95 7.29 -8.56
C ARG A 258 -33.97 8.42 -8.47
N SER A 259 -33.49 9.65 -8.33
CA SER A 259 -34.28 10.81 -8.69
C SER A 259 -34.33 10.92 -10.21
N LYS A 260 -35.41 11.48 -10.73
CA LYS A 260 -35.64 11.45 -12.17
C LYS A 260 -34.77 12.44 -12.94
N ASN A 261 -33.78 13.06 -12.29
CA ASN A 261 -32.73 13.78 -12.98
C ASN A 261 -31.75 12.81 -13.65
N LYS A 262 -31.98 11.51 -13.48
CA LYS A 262 -31.10 10.46 -13.99
C LYS A 262 -30.83 10.58 -15.48
N LYS A 263 -31.74 11.17 -16.25
CA LYS A 263 -31.58 11.27 -17.69
C LYS A 263 -30.56 12.35 -18.04
N GLU A 264 -29.57 11.97 -18.83
CA GLU A 264 -28.58 12.93 -19.33
C GLU A 264 -27.93 12.34 -20.57
N LYS A 265 -27.58 13.22 -21.51
CA LYS A 265 -26.93 12.82 -22.75
C LYS A 265 -25.69 12.00 -22.47
N PRO A 266 -25.64 10.73 -22.90
CA PRO A 266 -24.42 9.93 -22.71
C PRO A 266 -23.26 10.53 -23.48
N LYS A 267 -22.22 10.95 -22.74
CA LYS A 267 -21.09 11.62 -23.38
C LYS A 267 -20.41 10.73 -24.41
N MET A 268 -19.91 9.58 -23.97
CA MET A 268 -19.22 8.62 -24.83
C MET A 268 -17.97 9.22 -25.45
N GLY A 269 -17.63 10.45 -25.07
CA GLY A 269 -16.40 11.06 -25.49
C GLY A 269 -15.34 10.90 -24.42
N THR A 270 -14.40 9.98 -24.64
CA THR A 270 -13.31 9.80 -23.69
C THR A 270 -12.44 11.05 -23.57
N MET A 271 -12.56 11.97 -24.51
CA MET A 271 -12.04 13.33 -24.33
C MET A 271 -13.07 14.22 -23.65
N GLU A 272 -14.34 14.11 -24.03
CA GLU A 272 -15.39 14.96 -23.44
C GLU A 272 -15.60 14.61 -21.97
N SER A 273 -15.70 13.32 -21.65
CA SER A 273 -15.92 12.91 -20.27
C SER A 273 -14.76 13.34 -19.38
N LEU A 274 -13.53 13.12 -19.83
CA LEU A 274 -12.37 13.55 -19.05
C LEU A 274 -12.31 15.07 -18.93
N LYS A 275 -12.68 15.79 -19.98
CA LYS A 275 -12.71 17.24 -19.90
C LYS A 275 -13.72 17.71 -18.85
N PHE A 276 -14.88 17.05 -18.78
CA PHE A 276 -15.85 17.37 -17.74
C PHE A 276 -15.31 17.05 -16.36
N LEU A 277 -14.64 15.91 -16.21
CA LEU A 277 -14.11 15.51 -14.91
C LEU A 277 -13.03 16.47 -14.42
N VAL A 278 -12.14 16.91 -15.30
CA VAL A 278 -11.12 17.88 -14.90
C VAL A 278 -11.75 19.23 -14.57
N SER A 279 -12.85 19.58 -15.23
CA SER A 279 -13.52 20.85 -14.99
C SER A 279 -14.55 20.77 -13.87
N SER A 280 -14.73 19.60 -13.24
CA SER A 280 -15.72 19.46 -12.18
C SER A 280 -15.09 19.84 -10.84
N PRO A 281 -15.68 20.80 -10.11
CA PRO A 281 -15.12 21.18 -8.81
C PRO A 281 -15.23 20.10 -7.74
N TYR A 282 -16.09 19.10 -7.93
CA TYR A 282 -16.29 18.02 -6.97
C TYR A 282 -15.19 16.96 -7.09
N ILE A 283 -14.94 16.51 -8.31
CA ILE A 283 -13.86 15.56 -8.55
C ILE A 283 -12.51 16.17 -8.18
N ARG A 284 -12.35 17.48 -8.38
CA ARG A 284 -11.09 18.13 -8.00
C ARG A 284 -10.82 17.97 -6.51
N ASP A 285 -11.80 18.31 -5.67
CA ASP A 285 -11.62 18.19 -4.22
C ASP A 285 -11.45 16.74 -3.80
N LEU A 286 -12.22 15.83 -4.39
CA LEU A 286 -12.11 14.42 -3.99
C LEU A 286 -10.74 13.84 -4.36
N ALA A 287 -10.26 14.15 -5.57
CA ALA A 287 -8.92 13.75 -5.96
C ALA A 287 -7.86 14.40 -5.08
N THR A 288 -8.10 15.64 -4.65
CA THR A 288 -7.16 16.27 -3.73
C THR A 288 -7.10 15.51 -2.41
N LEU A 289 -8.25 15.10 -1.88
CA LEU A 289 -8.24 14.27 -0.67
C LEU A 289 -7.43 13.00 -0.87
N VAL A 290 -7.68 12.27 -1.97
CA VAL A 290 -6.99 11.00 -2.17
C VAL A 290 -5.49 11.22 -2.31
N VAL A 291 -5.10 12.18 -3.16
CA VAL A 291 -3.69 12.42 -3.44
C VAL A 291 -2.97 12.88 -2.18
N ALA A 292 -3.58 13.82 -1.44
CA ALA A 292 -2.96 14.32 -0.23
C ALA A 292 -2.81 13.22 0.81
N TYR A 293 -3.81 12.35 0.95
CA TYR A 293 -3.69 11.24 1.87
C TYR A 293 -2.48 10.38 1.52
N GLY A 294 -2.40 9.95 0.26
CA GLY A 294 -1.29 9.09 -0.14
C GLY A 294 0.06 9.74 0.10
N ILE A 295 0.21 10.99 -0.34
CA ILE A 295 1.48 11.69 -0.20
C ILE A 295 1.85 11.84 1.26
N SER A 296 0.89 12.25 2.09
CA SER A 296 1.18 12.53 3.50
C SER A 296 1.67 11.29 4.21
N ILE A 297 0.93 10.18 4.12
CA ILE A 297 1.40 8.96 4.78
C ILE A 297 2.74 8.51 4.23
N ASN A 298 2.94 8.52 2.91
CA ASN A 298 4.22 8.03 2.40
C ASN A 298 5.40 8.85 2.93
N LEU A 299 5.32 10.18 2.83
CA LEU A 299 6.43 11.03 3.24
C LEU A 299 6.69 10.91 4.73
N VAL A 300 5.64 11.05 5.55
CA VAL A 300 5.86 11.05 6.99
C VAL A 300 6.30 9.66 7.46
N GLU A 301 5.84 8.60 6.78
CA GLU A 301 6.27 7.26 7.12
C GLU A 301 7.76 7.08 6.87
N VAL A 302 8.26 7.56 5.73
CA VAL A 302 9.69 7.47 5.46
C VAL A 302 10.49 8.23 6.52
N THR A 303 10.08 9.47 6.81
CA THR A 303 10.83 10.27 7.78
C THR A 303 10.83 9.62 9.16
N TRP A 304 9.66 9.14 9.60
CA TRP A 304 9.56 8.54 10.91
C TRP A 304 10.35 7.24 11.00
N LYS A 305 10.39 6.46 9.91
CA LYS A 305 11.19 5.24 9.96
C LYS A 305 12.68 5.54 10.02
N SER A 306 13.13 6.60 9.35
CA SER A 306 14.52 7.02 9.49
C SER A 306 14.84 7.39 10.93
N LYS A 307 14.00 8.22 11.54
CA LYS A 307 14.20 8.58 12.94
C LYS A 307 14.16 7.36 13.85
N LEU A 308 13.25 6.43 13.56
CA LEU A 308 13.14 5.17 14.29
C LEU A 308 14.43 4.39 14.26
N LYS A 309 15.01 4.21 13.07
CA LYS A 309 16.29 3.53 12.96
C LYS A 309 17.36 4.24 13.78
N ALA A 310 17.37 5.58 13.74
CA ALA A 310 18.30 6.32 14.58
C ALA A 310 18.07 6.04 16.06
N GLN A 311 16.83 5.77 16.46
CA GLN A 311 16.52 5.63 17.88
C GLN A 311 16.95 4.28 18.43
N PHE A 312 16.58 3.18 17.75
CA PHE A 312 16.85 1.83 18.23
C PHE A 312 18.01 1.22 17.46
N PRO A 313 19.25 1.34 17.94
CA PRO A 313 20.38 0.78 17.19
C PRO A 313 20.48 -0.73 17.28
N SER A 314 19.88 -1.33 18.30
CA SER A 314 20.03 -2.78 18.41
C SER A 314 18.86 -3.49 17.74
N PRO A 315 19.10 -4.67 17.20
CA PRO A 315 18.01 -5.42 16.53
C PRO A 315 16.89 -5.80 17.48
N ASN A 316 17.24 -6.29 18.66
CA ASN A 316 16.25 -6.79 19.59
C ASN A 316 15.30 -5.69 20.05
N GLU A 317 15.85 -4.51 20.35
CA GLU A 317 14.99 -3.40 20.76
C GLU A 317 14.11 -2.93 19.61
N TYR A 318 14.64 -2.93 18.38
CA TYR A 318 13.85 -2.53 17.22
C TYR A 318 12.67 -3.47 17.01
N SER A 319 12.92 -4.78 17.10
CA SER A 319 11.84 -5.76 16.93
C SER A 319 10.87 -5.73 18.11
N ALA A 320 11.38 -5.48 19.33
CA ALA A 320 10.49 -5.35 20.47
C ALA A 320 9.58 -4.15 20.32
N PHE A 321 10.10 -3.06 19.75
CA PHE A 321 9.27 -1.88 19.51
C PHE A 321 8.27 -2.15 18.38
N MET A 322 8.66 -2.91 17.36
CA MET A 322 7.74 -3.30 16.29
C MET A 322 6.94 -4.56 16.58
N GLY A 323 6.90 -4.97 17.84
CA GLY A 323 5.82 -5.81 18.31
C GLY A 323 4.77 -4.95 19.00
N ASP A 324 5.24 -4.00 19.81
CA ASP A 324 4.34 -3.10 20.51
C ASP A 324 3.62 -2.16 19.56
N PHE A 325 4.32 -1.71 18.51
CA PHE A 325 3.70 -0.88 17.49
C PHE A 325 2.55 -1.61 16.82
N SER A 326 2.72 -2.90 16.53
CA SER A 326 1.66 -3.68 15.91
C SER A 326 0.50 -3.92 16.87
N THR A 327 0.81 -4.19 18.15
CA THR A 327 -0.27 -4.35 19.12
C THR A 327 -1.10 -3.07 19.25
N CYS A 328 -0.42 -1.92 19.35
CA CYS A 328 -1.12 -0.65 19.39
C CYS A 328 -1.87 -0.38 18.10
N THR A 329 -1.33 -0.81 16.96
CA THR A 329 -2.01 -0.64 15.69
C THR A 329 -3.33 -1.41 15.67
N GLY A 330 -3.31 -2.65 16.16
CA GLY A 330 -4.55 -3.42 16.21
C GLY A 330 -5.56 -2.84 17.18
N VAL A 331 -5.10 -2.44 18.37
CA VAL A 331 -6.00 -1.84 19.35
C VAL A 331 -6.62 -0.57 18.78
N ALA A 332 -5.80 0.27 18.15
CA ALA A 332 -6.30 1.49 17.53
C ALA A 332 -7.24 1.19 16.37
N THR A 333 -6.97 0.15 15.59
CA THR A 333 -7.89 -0.21 14.51
C THR A 333 -9.27 -0.52 15.07
N PHE A 334 -9.32 -1.32 16.13
CA PHE A 334 -10.61 -1.65 16.75
C PHE A 334 -11.31 -0.41 17.29
N THR A 335 -10.60 0.38 18.09
CA THR A 335 -11.22 1.55 18.70
C THR A 335 -11.59 2.61 17.67
N MET A 336 -10.82 2.76 16.59
CA MET A 336 -11.20 3.65 15.50
C MET A 336 -12.41 3.16 14.75
N MET A 337 -12.57 1.84 14.58
CA MET A 337 -13.81 1.35 13.97
C MET A 337 -15.02 1.78 14.81
N LEU A 338 -14.93 1.57 16.13
CA LEU A 338 -16.05 1.95 16.99
C LEU A 338 -16.26 3.47 16.98
N LEU A 339 -15.18 4.24 17.14
CA LEU A 339 -15.27 5.70 17.17
C LEU A 339 -15.76 6.26 15.85
N SER A 340 -15.43 5.59 14.74
CA SER A 340 -15.89 6.04 13.43
C SER A 340 -17.39 5.80 13.27
N GLN A 341 -17.86 4.61 13.67
CA GLN A 341 -19.30 4.39 13.64
C GLN A 341 -20.04 5.36 14.55
N TYR A 342 -19.38 5.84 15.62
CA TYR A 342 -20.02 6.84 16.48
C TYR A 342 -20.03 8.22 15.82
N VAL A 343 -18.88 8.67 15.31
CA VAL A 343 -18.78 10.03 14.78
C VAL A 343 -19.62 10.18 13.52
N PHE A 344 -19.72 9.13 12.70
CA PHE A 344 -20.57 9.20 11.52
C PHE A 344 -22.03 9.35 11.91
N ASN A 345 -22.47 8.65 12.96
CA ASN A 345 -23.84 8.78 13.43
C ASN A 345 -24.09 10.18 13.99
N LYS A 346 -23.15 10.72 14.76
CA LYS A 346 -23.42 11.95 15.50
C LYS A 346 -23.09 13.21 14.70
N TYR A 347 -21.83 13.36 14.29
CA TYR A 347 -21.36 14.64 13.77
C TYR A 347 -21.55 14.80 12.26
N GLY A 348 -21.51 13.71 11.50
CA GLY A 348 -21.81 13.76 10.09
C GLY A 348 -20.58 13.55 9.22
N TRP A 349 -20.75 13.86 7.93
CA TRP A 349 -19.69 13.60 6.96
C TRP A 349 -18.55 14.61 7.09
N GLY A 350 -18.87 15.87 7.36
CA GLY A 350 -17.83 16.89 7.39
C GLY A 350 -16.83 16.70 8.51
N VAL A 351 -17.32 16.43 9.72
CA VAL A 351 -16.42 16.26 10.85
C VAL A 351 -15.51 15.06 10.63
N ALA A 352 -16.09 13.93 10.20
CA ALA A 352 -15.30 12.73 9.96
C ALA A 352 -14.32 12.93 8.81
N ALA A 353 -14.69 13.70 7.80
CA ALA A 353 -13.79 13.96 6.68
C ALA A 353 -12.64 14.86 7.11
N LYS A 354 -12.88 15.78 8.04
CA LYS A 354 -11.81 16.66 8.51
C LYS A 354 -10.96 16.07 9.63
N ILE A 355 -11.44 15.03 10.31
CA ILE A 355 -10.67 14.49 11.45
C ILE A 355 -9.30 14.01 11.00
N THR A 356 -9.24 13.27 9.88
CA THR A 356 -7.96 12.73 9.44
C THR A 356 -6.94 13.82 9.11
N PRO A 357 -7.23 14.81 8.25
CA PRO A 357 -6.22 15.83 7.97
C PRO A 357 -5.82 16.66 9.18
N THR A 358 -6.76 16.97 10.08
CA THR A 358 -6.39 17.76 11.27
C THR A 358 -5.47 16.98 12.19
N VAL A 359 -5.78 15.70 12.45
CA VAL A 359 -4.92 14.92 13.33
C VAL A 359 -3.55 14.71 12.70
N LEU A 360 -3.52 14.42 11.39
CA LEU A 360 -2.24 14.28 10.72
C LEU A 360 -1.45 15.58 10.77
N LEU A 361 -2.14 16.72 10.60
CA LEU A 361 -1.47 18.03 10.68
C LEU A 361 -0.87 18.26 12.07
N LEU A 362 -1.66 18.04 13.12
CA LEU A 362 -1.17 18.29 14.47
C LEU A 362 0.01 17.39 14.80
N THR A 363 -0.14 16.09 14.53
CA THR A 363 0.94 15.14 14.82
C THR A 363 2.17 15.42 13.97
N GLY A 364 1.99 15.81 12.71
CA GLY A 364 3.13 16.14 11.87
C GLY A 364 3.85 17.39 12.31
N VAL A 365 3.11 18.41 12.75
CA VAL A 365 3.74 19.61 13.27
C VAL A 365 4.56 19.28 14.52
N ALA A 366 3.98 18.50 15.43
CA ALA A 366 4.73 18.10 16.62
C ALA A 366 5.96 17.27 16.24
N PHE A 367 5.79 16.34 15.31
CA PHE A 367 6.87 15.46 14.88
C PHE A 367 8.02 16.27 14.27
N PHE A 368 7.72 17.11 13.27
CA PHE A 368 8.74 17.89 12.61
C PHE A 368 9.31 18.99 13.51
N SER A 369 8.59 19.40 14.55
CA SER A 369 9.16 20.33 15.52
C SER A 369 10.18 19.63 16.39
N LEU A 370 9.85 18.42 16.87
CA LEU A 370 10.82 17.66 17.66
C LEU A 370 12.02 17.25 16.82
N ILE A 371 11.84 17.09 15.51
CA ILE A 371 12.98 16.81 14.63
C ILE A 371 13.82 18.07 14.42
N LEU A 372 13.21 19.10 13.83
CA LEU A 372 13.97 20.29 13.44
C LEU A 372 14.58 21.00 14.63
N PHE A 373 13.79 21.18 15.70
CA PHE A 373 14.26 21.84 16.91
C PHE A 373 14.25 20.81 18.03
N GLY A 374 15.33 20.05 18.13
CA GLY A 374 15.50 19.10 19.21
C GLY A 374 16.20 19.72 20.40
N GLY A 375 17.08 20.67 20.12
CA GLY A 375 17.80 21.38 21.15
C GLY A 375 16.88 22.13 22.09
N PRO A 376 16.11 23.08 21.57
CA PRO A 376 15.15 23.79 22.42
C PRO A 376 14.15 22.89 23.12
N PHE A 377 13.71 21.80 22.46
CA PHE A 377 12.71 20.92 23.05
C PHE A 377 13.29 19.89 24.01
N ALA A 378 14.62 19.76 24.09
CA ALA A 378 15.22 18.79 24.99
C ALA A 378 14.78 18.97 26.44
N PRO A 379 14.81 20.17 27.03
CA PRO A 379 14.27 20.30 28.40
C PRO A 379 12.78 20.01 28.49
N LEU A 380 12.00 20.40 27.48
CA LEU A 380 10.56 20.17 27.53
C LEU A 380 10.24 18.67 27.50
N VAL A 381 10.95 17.91 26.67
CA VAL A 381 10.70 16.47 26.61
C VAL A 381 11.36 15.74 27.78
N ALA A 382 12.41 16.31 28.39
CA ALA A 382 13.04 15.68 29.54
C ALA A 382 12.06 15.50 30.70
N LYS A 383 11.04 16.36 30.77
CA LYS A 383 10.00 16.17 31.78
C LYS A 383 9.24 14.87 31.56
N LEU A 384 9.19 14.39 30.33
CA LEU A 384 8.53 13.14 29.99
C LEU A 384 9.47 11.95 30.05
N GLY A 385 10.74 12.17 30.41
CA GLY A 385 11.71 11.09 30.44
C GLY A 385 12.04 10.50 29.09
N MET A 386 12.13 11.34 28.06
CA MET A 386 12.42 10.87 26.71
C MET A 386 13.47 11.76 26.06
N THR A 387 14.37 11.14 25.31
CA THR A 387 15.18 11.89 24.38
C THR A 387 14.29 12.52 23.32
N PRO A 388 14.59 13.74 22.86
CA PRO A 388 13.76 14.33 21.79
C PRO A 388 13.67 13.44 20.56
N LEU A 389 14.71 12.65 20.28
CA LEU A 389 14.60 11.65 19.23
C LEU A 389 13.53 10.62 19.56
N LEU A 390 13.47 10.17 20.82
CA LEU A 390 12.45 9.21 21.21
C LEU A 390 11.06 9.84 21.18
N ALA A 391 10.95 11.12 21.55
CA ALA A 391 9.68 11.82 21.45
C ALA A 391 9.21 11.89 20.00
N ALA A 392 10.13 12.20 19.08
CA ALA A 392 9.78 12.22 17.67
C ALA A 392 9.36 10.82 17.21
N VAL A 393 10.05 9.79 17.69
CA VAL A 393 9.70 8.42 17.32
C VAL A 393 8.27 8.10 17.74
N TYR A 394 7.92 8.46 18.99
CA TYR A 394 6.58 8.16 19.47
C TYR A 394 5.51 8.98 18.76
N VAL A 395 5.80 10.25 18.50
CA VAL A 395 4.82 11.09 17.79
C VAL A 395 4.59 10.56 16.38
N GLY A 396 5.67 10.22 15.67
CA GLY A 396 5.53 9.63 14.35
C GLY A 396 4.83 8.29 14.38
N ALA A 397 5.06 7.49 15.41
CA ALA A 397 4.37 6.21 15.54
C ALA A 397 2.87 6.42 15.73
N LEU A 398 2.48 7.36 16.58
CA LEU A 398 1.05 7.63 16.77
C LEU A 398 0.42 8.16 15.50
N GLN A 399 1.13 9.04 14.77
CA GLN A 399 0.62 9.56 13.51
C GLN A 399 0.47 8.46 12.46
N ASN A 400 1.46 7.58 12.34
CA ASN A 400 1.43 6.43 11.45
C ASN A 400 0.34 5.43 11.83
N ILE A 401 0.01 5.34 13.12
CA ILE A 401 -1.10 4.50 13.56
C ILE A 401 -2.44 5.11 13.20
N PHE A 402 -2.62 6.41 13.46
CA PHE A 402 -3.89 7.05 13.15
C PHE A 402 -4.16 7.08 11.66
N SER A 403 -3.10 7.25 10.85
CA SER A 403 -3.27 7.35 9.41
C SER A 403 -3.60 6.01 8.75
N LYS A 404 -3.13 4.90 9.33
CA LYS A 404 -3.42 3.58 8.78
C LYS A 404 -4.64 2.91 9.41
N SER A 405 -5.03 3.32 10.62
CA SER A 405 -6.25 2.79 11.23
C SER A 405 -7.50 3.57 10.85
N ALA A 406 -7.35 4.75 10.25
CA ALA A 406 -8.48 5.54 9.79
C ALA A 406 -8.82 5.29 8.33
N LYS A 407 -8.09 4.41 7.66
CA LYS A 407 -8.40 4.10 6.26
C LYS A 407 -9.78 3.46 6.15
N TYR A 408 -9.94 2.27 6.73
CA TYR A 408 -11.19 1.53 6.60
C TYR A 408 -12.27 2.02 7.56
N SER A 409 -11.92 2.88 8.52
CA SER A 409 -12.89 3.38 9.50
C SER A 409 -13.35 4.80 9.20
N LEU A 410 -12.42 5.68 8.83
CA LEU A 410 -12.72 7.11 8.80
C LEU A 410 -12.50 7.76 7.45
N PHE A 411 -11.49 7.33 6.70
CA PHE A 411 -11.20 7.96 5.42
C PHE A 411 -11.97 7.33 4.26
N ASP A 412 -11.88 6.01 4.11
CA ASP A 412 -12.63 5.35 3.04
C ASP A 412 -14.14 5.54 3.15
N PRO A 413 -14.77 5.41 4.32
CA PRO A 413 -16.22 5.70 4.37
C PRO A 413 -16.58 7.09 3.87
N CYS A 414 -15.83 8.12 4.30
CA CYS A 414 -16.08 9.47 3.81
C CYS A 414 -15.89 9.57 2.31
N LYS A 415 -14.80 8.97 1.80
CA LYS A 415 -14.50 9.05 0.38
C LYS A 415 -15.61 8.42 -0.45
N GLU A 416 -16.07 7.23 -0.06
CA GLU A 416 -17.11 6.56 -0.83
C GLU A 416 -18.46 7.26 -0.69
N MET A 417 -18.78 7.77 0.50
CA MET A 417 -20.05 8.46 0.66
C MET A 417 -20.09 9.79 -0.07
N ALA A 418 -18.94 10.39 -0.33
CA ALA A 418 -18.93 11.59 -1.16
C ALA A 418 -19.43 11.33 -2.58
N TYR A 419 -19.39 10.07 -3.03
CA TYR A 419 -19.86 9.73 -4.37
C TYR A 419 -21.37 9.55 -4.46
N ILE A 420 -22.03 9.27 -3.34
CA ILE A 420 -23.44 8.85 -3.39
C ILE A 420 -24.37 9.91 -3.98
N PRO A 421 -24.35 11.17 -3.53
CA PRO A 421 -25.34 12.13 -4.04
C PRO A 421 -25.11 12.56 -5.49
N LEU A 422 -23.99 12.17 -6.10
CA LEU A 422 -23.72 12.55 -7.48
C LEU A 422 -24.67 11.82 -8.43
N ASP A 423 -24.77 12.35 -9.65
CA ASP A 423 -25.49 11.66 -10.71
C ASP A 423 -24.65 10.51 -11.24
N GLU A 424 -25.33 9.48 -11.76
CA GLU A 424 -24.67 8.21 -12.06
C GLU A 424 -23.53 8.37 -13.05
N ASP A 425 -23.68 9.25 -14.05
CA ASP A 425 -22.60 9.51 -14.98
C ASP A 425 -21.34 9.95 -14.25
N THR A 426 -21.42 11.11 -13.58
CA THR A 426 -20.27 11.62 -12.85
C THR A 426 -19.86 10.67 -11.73
N LYS A 427 -20.82 10.07 -11.04
CA LYS A 427 -20.50 9.12 -9.98
C LYS A 427 -19.56 8.03 -10.49
N VAL A 428 -20.00 7.28 -11.50
CA VAL A 428 -19.21 6.16 -12.00
C VAL A 428 -17.88 6.64 -12.59
N LYS A 429 -17.93 7.69 -13.42
CA LYS A 429 -16.72 8.11 -14.11
C LYS A 429 -15.68 8.67 -13.16
N GLY A 430 -16.09 9.55 -12.23
CA GLY A 430 -15.17 10.06 -11.24
C GLY A 430 -14.66 8.97 -10.31
N LYS A 431 -15.51 8.01 -9.97
CA LYS A 431 -15.06 6.88 -9.16
C LYS A 431 -13.91 6.15 -9.85
N ALA A 432 -14.09 5.84 -11.13
CA ALA A 432 -13.03 5.18 -11.89
C ALA A 432 -11.79 6.05 -11.99
N ALA A 433 -11.96 7.32 -12.37
CA ALA A 433 -10.82 8.19 -12.62
C ALA A 433 -10.06 8.54 -11.34
N ILE A 434 -10.69 8.43 -10.17
CA ILE A 434 -10.04 8.78 -8.92
C ILE A 434 -9.40 7.53 -8.31
N ASP A 435 -10.21 6.49 -8.10
CA ASP A 435 -9.71 5.33 -7.36
C ASP A 435 -8.79 4.43 -8.19
N VAL A 436 -8.63 4.69 -9.49
CA VAL A 436 -7.70 3.95 -10.32
C VAL A 436 -6.46 4.76 -10.65
N VAL A 437 -6.62 6.06 -10.92
CA VAL A 437 -5.56 6.90 -11.43
C VAL A 437 -5.00 7.83 -10.36
N CYS A 438 -5.88 8.52 -9.62
CA CYS A 438 -5.43 9.57 -8.71
C CYS A 438 -4.66 9.04 -7.50
N ASN A 439 -4.96 7.83 -7.04
CA ASN A 439 -4.26 7.25 -5.89
C ASN A 439 -2.83 6.84 -6.26
N PRO A 440 -2.63 6.11 -7.37
CA PRO A 440 -1.25 5.91 -7.83
C PRO A 440 -0.54 7.21 -8.14
N LEU A 441 -1.25 8.23 -8.62
CA LEU A 441 -0.62 9.53 -8.78
C LEU A 441 -0.20 10.13 -7.44
N GLY A 442 -0.98 9.90 -6.39
CA GLY A 442 -0.56 10.36 -5.07
C GLY A 442 0.73 9.70 -4.64
N LYS A 443 0.82 8.37 -4.79
CA LYS A 443 2.06 7.69 -4.43
C LYS A 443 3.23 8.17 -5.29
N SER A 444 3.01 8.30 -6.60
CA SER A 444 4.08 8.73 -7.50
C SER A 444 4.51 10.16 -7.18
N GLY A 445 3.56 11.03 -6.84
CA GLY A 445 3.90 12.39 -6.48
C GLY A 445 4.70 12.47 -5.20
N GLY A 446 4.36 11.64 -4.22
CA GLY A 446 5.17 11.57 -3.01
C GLY A 446 6.60 11.14 -3.30
N ALA A 447 6.74 10.09 -4.12
CA ALA A 447 8.07 9.62 -4.50
C ALA A 447 8.85 10.69 -5.26
N LEU A 448 8.19 11.37 -6.20
CA LEU A 448 8.84 12.42 -6.97
C LEU A 448 9.25 13.58 -6.08
N ILE A 449 8.40 13.92 -5.11
CA ILE A 449 8.71 14.98 -4.16
C ILE A 449 9.97 14.64 -3.37
N GLN A 450 10.04 13.43 -2.84
CA GLN A 450 11.22 13.04 -2.07
C GLN A 450 12.47 13.00 -2.94
N GLN A 451 12.34 12.51 -4.17
CA GLN A 451 13.49 12.48 -5.07
C GLN A 451 13.95 13.89 -5.44
N PHE A 452 13.01 14.81 -5.64
CA PHE A 452 13.37 16.20 -5.90
C PHE A 452 14.10 16.82 -4.71
N MET A 453 13.63 16.55 -3.50
CA MET A 453 14.35 17.03 -2.32
C MET A 453 15.75 16.44 -2.24
N ILE A 454 15.90 15.16 -2.61
CA ILE A 454 17.23 14.55 -2.61
C ILE A 454 18.14 15.25 -3.61
N LEU A 455 17.70 15.37 -4.87
CA LEU A 455 18.54 16.00 -5.88
C LEU A 455 18.80 17.47 -5.60
N SER A 456 17.91 18.12 -4.86
CA SER A 456 18.17 19.51 -4.48
C SER A 456 19.21 19.60 -3.37
N PHE A 457 18.98 18.88 -2.28
CA PHE A 457 19.82 18.87 -1.11
C PHE A 457 20.53 17.60 -0.73
N GLY A 458 20.85 16.76 -1.64
CA GLY A 458 21.72 15.62 -1.42
C GLY A 458 21.17 14.54 -0.52
N SER A 459 20.25 14.86 0.37
CA SER A 459 19.76 13.88 1.32
C SER A 459 18.35 14.26 1.76
N LEU A 460 17.61 13.25 2.24
CA LEU A 460 16.33 13.52 2.89
C LEU A 460 16.50 14.03 4.31
N ALA A 461 17.69 13.88 4.89
CA ALA A 461 18.02 14.51 6.16
C ALA A 461 18.31 16.00 6.00
N ASN A 462 18.89 16.40 4.87
CA ASN A 462 19.17 17.80 4.57
C ASN A 462 17.96 18.52 3.97
N SER A 463 16.83 17.84 3.81
CA SER A 463 15.61 18.44 3.28
C SER A 463 14.45 18.37 4.26
N THR A 464 14.75 18.16 5.55
CA THR A 464 13.69 18.07 6.55
C THR A 464 12.82 19.32 6.64
N PRO A 465 13.36 20.55 6.72
CA PRO A 465 12.46 21.72 6.80
C PRO A 465 11.58 21.88 5.58
N TYR A 466 12.15 21.66 4.39
CA TYR A 466 11.38 21.75 3.15
C TYR A 466 10.37 20.62 3.03
N LEU A 467 10.73 19.41 3.46
CA LEU A 467 9.75 18.33 3.50
C LEU A 467 8.60 18.67 4.42
N GLY A 468 8.90 19.23 5.59
CA GLY A 468 7.84 19.65 6.50
C GLY A 468 6.97 20.76 5.92
N MET A 469 7.59 21.73 5.25
CA MET A 469 6.83 22.82 4.65
C MET A 469 5.90 22.32 3.57
N ILE A 470 6.38 21.45 2.68
CA ILE A 470 5.52 20.94 1.62
C ILE A 470 4.45 20.01 2.17
N LEU A 471 4.77 19.25 3.23
CA LEU A 471 3.73 18.46 3.88
C LEU A 471 2.66 19.36 4.51
N LEU A 472 3.08 20.47 5.09
CA LEU A 472 2.14 21.47 5.60
C LEU A 472 1.24 21.97 4.49
N VAL A 473 1.83 22.32 3.34
CA VAL A 473 1.03 22.81 2.21
C VAL A 473 0.07 21.73 1.72
N ILE A 474 0.53 20.48 1.66
CA ILE A 474 -0.28 19.39 1.14
C ILE A 474 -1.48 19.12 2.06
N VAL A 475 -1.23 19.05 3.37
CA VAL A 475 -2.33 18.83 4.30
C VAL A 475 -3.23 20.06 4.41
N THR A 476 -2.70 21.26 4.16
CA THR A 476 -3.55 22.45 4.12
C THR A 476 -4.50 22.40 2.93
N ALA A 477 -3.97 22.02 1.76
CA ALA A 477 -4.84 21.81 0.61
C ALA A 477 -5.82 20.69 0.86
N TRP A 478 -5.41 19.66 1.61
CA TRP A 478 -6.31 18.58 1.99
C TRP A 478 -7.47 19.10 2.84
N LEU A 479 -7.17 19.95 3.82
CA LEU A 479 -8.23 20.54 4.64
C LEU A 479 -9.16 21.43 3.82
N ALA A 480 -8.58 22.26 2.94
CA ALA A 480 -9.41 23.12 2.10
C ALA A 480 -10.30 22.31 1.18
N ALA A 481 -9.76 21.24 0.59
CA ALA A 481 -10.54 20.37 -0.27
C ALA A 481 -11.64 19.67 0.52
N ALA A 482 -11.33 19.25 1.76
CA ALA A 482 -12.37 18.63 2.59
C ALA A 482 -13.50 19.61 2.89
N LYS A 483 -13.16 20.86 3.20
CA LYS A 483 -14.20 21.86 3.46
C LYS A 483 -15.07 22.11 2.23
N SER A 484 -14.42 22.36 1.09
CA SER A 484 -15.17 22.61 -0.14
C SER A 484 -16.01 21.41 -0.53
N LEU A 485 -15.46 20.20 -0.39
CA LEU A 485 -16.17 18.98 -0.74
C LEU A 485 -17.35 18.76 0.18
N GLU A 486 -17.21 19.07 1.47
CA GLU A 486 -18.34 18.93 2.39
C GLU A 486 -19.45 19.93 2.04
N GLY A 487 -19.07 21.16 1.69
CA GLY A 487 -20.09 22.12 1.26
C GLY A 487 -20.82 21.65 0.02
N GLN A 488 -20.09 21.22 -1.01
CA GLN A 488 -20.71 20.73 -2.22
C GLN A 488 -21.52 19.46 -1.97
N PHE A 489 -21.08 18.62 -1.03
CA PHE A 489 -21.77 17.38 -0.71
C PHE A 489 -23.12 17.66 -0.08
N ASN A 490 -23.16 18.58 0.89
CA ASN A 490 -24.44 18.99 1.46
C ASN A 490 -25.33 19.65 0.43
N SER A 491 -24.74 20.46 -0.46
CA SER A 491 -25.54 21.09 -1.51
C SER A 491 -26.19 20.05 -2.40
N LEU A 492 -25.42 19.05 -2.83
CA LEU A 492 -25.97 18.00 -3.68
C LEU A 492 -27.05 17.21 -2.95
N ARG A 493 -26.80 16.84 -1.69
CA ARG A 493 -27.78 16.06 -0.95
C ARG A 493 -29.09 16.82 -0.81
N SER A 494 -29.00 18.09 -0.40
CA SER A 494 -30.22 18.90 -0.23
C SER A 494 -30.95 19.07 -1.56
N GLU A 495 -30.20 19.37 -2.63
CA GLU A 495 -30.83 19.59 -3.93
C GLU A 495 -31.55 18.33 -4.40
N GLU A 496 -30.90 17.17 -4.28
CA GLU A 496 -31.51 15.94 -4.80
C GLU A 496 -32.70 15.51 -3.94
N GLU A 497 -32.61 15.68 -2.62
CA GLU A 497 -33.75 15.31 -1.78
C GLU A 497 -34.94 16.21 -2.06
N LEU A 498 -34.72 17.53 -2.22
CA LEU A 498 -35.84 18.40 -2.50
C LEU A 498 -36.41 18.14 -3.89
N GLU A 499 -35.55 17.80 -4.86
CA GLU A 499 -36.04 17.49 -6.20
C GLU A 499 -36.88 16.21 -6.20
N LYS A 500 -36.43 15.18 -5.48
CA LYS A 500 -37.21 13.96 -5.41
C LYS A 500 -38.54 14.20 -4.70
N GLU A 501 -38.54 14.99 -3.62
CA GLU A 501 -39.78 15.23 -2.92
C GLU A 501 -40.73 16.11 -3.73
N MET A 502 -40.20 17.00 -4.57
CA MET A 502 -41.08 17.80 -5.42
C MET A 502 -41.66 16.98 -6.56
N GLU A 503 -40.85 16.10 -7.16
CA GLU A 503 -41.38 15.31 -8.28
C GLU A 503 -42.34 14.23 -7.77
N ARG A 504 -42.15 13.77 -6.53
CA ARG A 504 -43.01 12.75 -5.96
C ARG A 504 -44.30 13.33 -5.39
N ALA A 505 -44.30 14.61 -5.02
CA ALA A 505 -45.48 15.25 -4.43
C ALA A 505 -46.66 15.25 -5.41
N GLU B 1 13.43 -20.74 1.37
CA GLU B 1 13.55 -19.85 2.53
C GLU B 1 14.35 -18.61 2.19
N VAL B 2 14.53 -17.74 3.18
CA VAL B 2 15.26 -16.49 3.01
C VAL B 2 16.74 -16.77 3.25
N GLN B 3 17.59 -16.30 2.34
CA GLN B 3 19.03 -16.50 2.43
C GLN B 3 19.74 -15.18 2.25
N LEU B 4 20.60 -14.82 3.20
CA LEU B 4 21.43 -13.63 3.12
C LEU B 4 22.88 -14.04 3.35
N VAL B 5 23.76 -13.69 2.42
CA VAL B 5 25.17 -14.05 2.52
C VAL B 5 26.01 -12.79 2.36
N GLU B 6 26.90 -12.54 3.31
CA GLU B 6 27.78 -11.38 3.29
C GLU B 6 29.15 -11.76 2.74
N SER B 7 29.80 -10.78 2.11
CA SER B 7 31.16 -10.97 1.61
C SER B 7 31.86 -9.62 1.58
N GLY B 8 33.18 -9.66 1.43
CA GLY B 8 33.98 -8.46 1.33
C GLY B 8 34.70 -8.05 2.60
N GLY B 9 34.33 -8.64 3.74
CA GLY B 9 35.01 -8.30 4.98
C GLY B 9 36.40 -8.91 5.02
N GLY B 10 37.34 -8.14 5.58
CA GLY B 10 38.71 -8.59 5.66
C GLY B 10 39.57 -7.70 6.52
N LEU B 11 40.88 -7.85 6.37
CA LEU B 11 41.86 -7.09 7.12
C LEU B 11 42.35 -5.91 6.27
N VAL B 12 42.16 -4.70 6.80
CA VAL B 12 42.57 -3.47 6.12
C VAL B 12 43.23 -2.56 7.15
N GLN B 13 44.17 -1.75 6.68
CA GLN B 13 44.84 -0.78 7.54
C GLN B 13 43.90 0.35 7.93
N ALA B 14 44.21 1.01 9.03
CA ALA B 14 43.44 2.18 9.46
C ALA B 14 43.51 3.26 8.40
N GLY B 15 42.34 3.82 8.07
CA GLY B 15 42.23 4.75 6.97
C GLY B 15 42.01 4.12 5.61
N GLY B 16 41.67 2.82 5.57
CA GLY B 16 41.49 2.11 4.32
C GLY B 16 40.03 2.01 3.91
N SER B 17 39.83 1.33 2.78
CA SER B 17 38.50 1.14 2.19
C SER B 17 38.15 -0.34 2.16
N LEU B 18 36.85 -0.62 2.23
CA LEU B 18 36.38 -2.00 2.22
C LEU B 18 34.91 -2.01 1.81
N ARG B 19 34.55 -2.84 0.84
CA ARG B 19 33.20 -2.88 0.30
C ARG B 19 32.54 -4.20 0.67
N LEU B 20 31.58 -4.14 1.59
CA LEU B 20 30.77 -5.31 1.91
C LEU B 20 29.64 -5.47 0.91
N SER B 21 29.30 -6.73 0.63
CA SER B 21 28.22 -7.06 -0.30
C SER B 21 27.35 -8.12 0.34
N CYS B 22 26.05 -7.83 0.45
CA CYS B 22 25.07 -8.78 0.95
C CYS B 22 24.23 -9.26 -0.23
N ALA B 23 24.40 -10.53 -0.59
CA ALA B 23 23.57 -11.16 -1.61
C ALA B 23 22.36 -11.79 -0.94
N ALA B 24 21.17 -11.45 -1.43
CA ALA B 24 19.92 -11.86 -0.82
C ALA B 24 19.11 -12.70 -1.79
N SER B 25 18.33 -13.62 -1.23
CA SER B 25 17.51 -14.53 -2.03
C SER B 25 16.31 -14.96 -1.21
N GLY B 26 15.23 -15.28 -1.91
CA GLY B 26 14.02 -15.76 -1.28
C GLY B 26 12.98 -14.70 -0.97
N PHE B 27 13.15 -13.49 -1.44
CA PHE B 27 12.22 -12.40 -1.16
C PHE B 27 12.54 -11.23 -2.10
N PRO B 28 11.58 -10.33 -2.32
CA PRO B 28 11.89 -9.11 -3.08
C PRO B 28 12.83 -8.20 -2.32
N VAL B 29 14.10 -8.16 -2.72
CA VAL B 29 15.09 -7.38 -2.00
C VAL B 29 14.96 -5.89 -2.29
N THR B 30 14.29 -5.54 -3.37
CA THR B 30 14.13 -4.16 -3.78
C THR B 30 12.86 -3.54 -3.23
N GLU B 31 12.04 -4.32 -2.54
CA GLU B 31 10.76 -3.88 -2.02
C GLU B 31 10.74 -3.78 -0.51
N HIS B 32 11.82 -4.15 0.15
CA HIS B 32 11.91 -4.16 1.59
C HIS B 32 13.17 -3.42 1.99
N GLU B 33 13.19 -2.91 3.21
CA GLU B 33 14.32 -2.13 3.68
C GLU B 33 15.41 -3.05 4.19
N MET B 34 16.61 -2.90 3.65
CA MET B 34 17.74 -3.77 3.97
C MET B 34 18.65 -3.06 4.94
N TYR B 35 18.95 -3.72 6.06
CA TYR B 35 19.74 -3.14 7.13
C TYR B 35 21.14 -3.74 7.17
N TRP B 36 22.07 -2.97 7.73
CA TRP B 36 23.44 -3.40 7.98
C TRP B 36 23.73 -3.12 9.44
N TYR B 37 23.92 -4.19 10.21
CA TYR B 37 24.33 -4.14 11.61
C TYR B 37 25.77 -4.62 11.74
N ARG B 38 26.38 -4.32 12.89
CA ARG B 38 27.68 -4.86 13.21
C ARG B 38 27.73 -5.19 14.70
N GLN B 39 28.52 -6.21 15.04
CA GLN B 39 28.64 -6.69 16.40
C GLN B 39 30.11 -6.92 16.71
N ALA B 40 30.59 -6.32 17.77
CA ALA B 40 31.95 -6.60 18.19
C ALA B 40 31.95 -7.56 19.38
N PRO B 41 32.98 -8.39 19.51
CA PRO B 41 33.04 -9.30 20.68
C PRO B 41 33.03 -8.51 21.98
N GLY B 42 32.13 -8.90 22.88
CA GLY B 42 31.95 -8.20 24.13
C GLY B 42 30.95 -7.06 24.09
N LYS B 43 30.42 -6.73 22.91
CA LYS B 43 29.44 -5.67 22.76
C LYS B 43 28.18 -6.20 22.08
N GLU B 44 27.11 -5.44 22.21
CA GLU B 44 25.84 -5.81 21.59
C GLU B 44 25.85 -5.45 20.11
N ARG B 45 24.95 -6.11 19.37
CA ARG B 45 24.83 -5.85 17.94
C ARG B 45 24.24 -4.46 17.72
N GLU B 46 24.95 -3.64 16.94
CA GLU B 46 24.55 -2.26 16.69
C GLU B 46 24.29 -2.04 15.21
N TRP B 47 23.41 -1.10 14.91
CA TRP B 47 23.01 -0.79 13.55
C TRP B 47 24.02 0.14 12.89
N VAL B 48 24.31 -0.11 11.62
CA VAL B 48 25.28 0.67 10.84
C VAL B 48 24.59 1.51 9.78
N ALA B 49 23.89 0.88 8.85
CA ALA B 49 23.33 1.64 7.74
C ALA B 49 22.22 0.85 7.05
N ALA B 50 21.12 1.53 6.73
CA ALA B 50 20.00 0.90 6.07
C ALA B 50 19.70 1.59 4.75
N ILE B 51 19.00 0.88 3.87
CA ILE B 51 18.52 1.43 2.61
C ILE B 51 17.08 0.98 2.42
N ASP B 52 16.21 1.91 2.06
CA ASP B 52 14.78 1.66 1.98
C ASP B 52 14.43 1.06 0.62
N SER B 53 13.14 0.78 0.41
CA SER B 53 12.68 0.29 -0.88
C SER B 53 12.83 1.35 -1.97
N TYR B 54 12.94 2.58 -1.63
CA TYR B 54 13.10 3.64 -2.52
C TYR B 54 14.54 3.92 -2.72
N GLY B 55 15.46 3.42 -1.87
CA GLY B 55 16.89 3.66 -1.93
C GLY B 55 17.27 4.99 -1.32
N TYR B 56 16.90 5.19 -0.05
CA TYR B 56 17.02 6.50 0.57
C TYR B 56 18.21 6.61 1.52
N THR B 57 18.83 5.49 1.89
CA THR B 57 20.17 5.44 2.48
C THR B 57 20.26 6.28 3.77
N GLU B 58 19.57 5.79 4.79
CA GLU B 58 19.79 6.30 6.14
C GLU B 58 21.01 5.63 6.76
N TYR B 59 21.82 6.42 7.47
CA TYR B 59 23.05 5.93 8.07
C TYR B 59 23.06 6.21 9.57
N ALA B 60 23.91 5.48 10.27
CA ALA B 60 24.18 5.77 11.67
C ALA B 60 25.21 6.87 11.79
N ASP B 61 25.08 7.67 12.84
CA ASP B 61 25.97 8.83 13.03
C ASP B 61 27.43 8.42 13.23
N SER B 62 27.68 7.19 13.70
CA SER B 62 29.06 6.75 13.89
C SER B 62 29.78 6.57 12.56
N VAL B 63 29.06 6.24 11.50
CA VAL B 63 29.64 5.98 10.19
C VAL B 63 29.20 7.00 9.14
N LYS B 64 28.36 7.97 9.51
CA LYS B 64 27.83 8.91 8.54
C LYS B 64 28.97 9.77 7.97
N GLY B 65 29.00 9.89 6.64
CA GLY B 65 30.03 10.60 5.94
C GLY B 65 31.17 9.72 5.45
N ARG B 66 31.32 8.52 6.00
CA ARG B 66 32.34 7.58 5.58
C ARG B 66 31.79 6.35 4.87
N PHE B 67 30.66 5.82 5.33
CA PHE B 67 30.06 4.64 4.72
C PHE B 67 28.97 5.05 3.74
N THR B 68 28.72 4.18 2.78
CA THR B 68 27.74 4.44 1.73
C THR B 68 27.03 3.13 1.39
N ILE B 69 25.76 3.04 1.72
CA ILE B 69 24.96 1.86 1.39
C ILE B 69 24.30 2.09 0.04
N SER B 70 24.21 1.03 -0.75
CA SER B 70 23.71 1.14 -2.13
C SER B 70 23.20 -0.21 -2.58
N ARG B 71 21.92 -0.29 -2.91
CA ARG B 71 21.33 -1.52 -3.42
C ARG B 71 21.42 -1.53 -4.94
N ASP B 72 21.95 -2.61 -5.49
CA ASP B 72 22.01 -2.81 -6.94
C ASP B 72 20.92 -3.82 -7.27
N ASN B 73 19.89 -3.34 -7.97
CA ASN B 73 18.77 -4.19 -8.35
C ASN B 73 19.16 -5.10 -9.51
N SER B 74 20.09 -4.67 -10.35
CA SER B 74 20.53 -5.50 -11.47
C SER B 74 21.19 -6.77 -10.98
N LYS B 75 22.04 -6.66 -9.95
CA LYS B 75 22.70 -7.82 -9.36
C LYS B 75 22.03 -8.30 -8.09
N ASN B 76 20.96 -7.62 -7.65
CA ASN B 76 20.10 -8.09 -6.57
C ASN B 76 20.84 -8.10 -5.23
N THR B 77 21.80 -7.20 -5.04
CA THR B 77 22.63 -7.24 -3.83
C THR B 77 22.74 -5.85 -3.22
N VAL B 78 22.83 -5.82 -1.90
CA VAL B 78 23.07 -4.58 -1.17
C VAL B 78 24.58 -4.44 -0.98
N TYR B 79 25.05 -3.19 -0.93
CA TYR B 79 26.47 -2.90 -0.81
C TYR B 79 26.67 -1.87 0.29
N LEU B 80 27.83 -1.96 0.93
CA LEU B 80 28.24 -1.02 1.98
C LEU B 80 29.71 -0.69 1.72
N GLN B 81 29.94 0.46 1.08
CA GLN B 81 31.29 0.96 0.89
C GLN B 81 31.75 1.63 2.18
N MET B 82 32.99 1.36 2.59
CA MET B 82 33.53 1.87 3.85
C MET B 82 34.86 2.56 3.53
N ASN B 83 34.83 3.89 3.47
CA ASN B 83 36.02 4.68 3.26
C ASN B 83 36.50 5.28 4.56
N SER B 84 37.81 5.55 4.63
CA SER B 84 38.46 6.14 5.79
C SER B 84 38.14 5.32 7.04
N LEU B 85 38.36 4.01 6.92
CA LEU B 85 38.09 3.11 8.03
C LEU B 85 39.00 3.40 9.22
N LYS B 86 38.52 3.08 10.40
CA LYS B 86 39.14 3.38 11.66
C LYS B 86 39.04 2.17 12.61
N PRO B 87 40.04 1.97 13.48
CA PRO B 87 40.21 0.66 14.13
C PRO B 87 39.05 0.22 14.99
N GLU B 88 38.08 1.08 15.30
CA GLU B 88 36.91 0.61 16.03
C GLU B 88 35.76 0.23 15.11
N ASP B 89 36.01 0.16 13.81
CA ASP B 89 35.07 -0.44 12.88
C ASP B 89 35.26 -1.95 12.79
N THR B 90 36.21 -2.51 13.54
CA THR B 90 36.44 -3.95 13.56
C THR B 90 35.28 -4.65 14.26
N ALA B 91 34.53 -5.45 13.50
CA ALA B 91 33.37 -6.16 14.02
C ALA B 91 32.91 -7.17 12.96
N VAL B 92 31.93 -7.98 13.33
CA VAL B 92 31.26 -8.87 12.39
C VAL B 92 30.02 -8.15 11.88
N TYR B 93 29.94 -7.97 10.56
CA TYR B 93 28.87 -7.22 9.93
C TYR B 93 27.82 -8.18 9.39
N TYR B 94 26.56 -7.89 9.69
CA TYR B 94 25.43 -8.68 9.24
C TYR B 94 24.52 -7.80 8.39
N CYS B 95 23.92 -8.39 7.36
CA CYS B 95 22.81 -7.74 6.68
C CYS B 95 21.51 -8.38 7.13
N ASN B 96 20.50 -7.54 7.31
CA ASN B 96 19.26 -7.96 7.94
C ASN B 96 18.08 -7.54 7.10
N VAL B 97 17.03 -8.36 7.13
CA VAL B 97 15.74 -8.00 6.53
C VAL B 97 14.64 -8.33 7.53
N LYS B 98 13.68 -7.41 7.67
CA LYS B 98 12.62 -7.52 8.66
C LYS B 98 11.26 -7.37 7.98
N ASP B 99 10.24 -7.92 8.64
CA ASP B 99 8.84 -7.73 8.27
C ASP B 99 8.61 -8.05 6.79
N LEU B 100 8.96 -9.28 6.43
CA LEU B 100 8.91 -9.70 5.04
C LEU B 100 7.51 -10.10 4.59
N GLY B 101 6.53 -10.11 5.47
CA GLY B 101 5.16 -10.40 5.11
C GLY B 101 4.62 -11.63 5.81
N ALA B 102 3.47 -12.11 5.31
CA ALA B 102 2.82 -13.28 5.87
C ALA B 102 3.40 -14.59 5.33
N TRP B 103 4.13 -14.55 4.23
CA TRP B 103 4.75 -15.75 3.68
C TRP B 103 5.94 -16.24 4.51
N TYR B 104 6.38 -15.47 5.49
CA TYR B 104 7.58 -15.76 6.24
C TYR B 104 7.25 -15.84 7.73
N ASN B 105 8.08 -16.58 8.47
CA ASN B 105 7.72 -17.01 9.81
C ASN B 105 8.53 -16.36 10.93
N ASP B 106 9.58 -15.61 10.61
CA ASP B 106 10.55 -15.20 11.62
C ASP B 106 10.57 -13.71 11.91
N TYR B 107 10.20 -12.86 10.94
CA TYR B 107 10.24 -11.41 11.03
C TYR B 107 11.66 -10.84 11.01
N ASP B 108 12.67 -11.69 11.15
CA ASP B 108 14.06 -11.25 11.14
C ASP B 108 14.90 -12.30 10.44
N TYR B 109 15.61 -11.89 9.39
CA TYR B 109 16.54 -12.78 8.72
C TYR B 109 17.91 -12.12 8.63
N TRP B 110 18.93 -12.89 8.98
CA TRP B 110 20.31 -12.45 9.07
C TRP B 110 21.21 -13.31 8.20
N GLY B 111 22.34 -12.73 7.81
CA GLY B 111 23.42 -13.50 7.25
C GLY B 111 24.30 -14.08 8.34
N GLN B 112 25.28 -14.88 7.92
CA GLN B 112 26.24 -15.45 8.85
C GLN B 112 27.29 -14.45 9.29
N GLY B 113 27.29 -13.25 8.72
CA GLY B 113 28.22 -12.21 9.09
C GLY B 113 29.54 -12.31 8.36
N THR B 114 30.23 -11.18 8.28
CA THR B 114 31.56 -11.12 7.69
C THR B 114 32.46 -10.30 8.60
N GLN B 115 33.66 -10.79 8.84
CA GLN B 115 34.57 -10.14 9.78
C GLN B 115 35.32 -9.00 9.09
N VAL B 116 35.29 -7.82 9.70
CA VAL B 116 36.06 -6.67 9.23
C VAL B 116 36.98 -6.26 10.36
N THR B 117 38.30 -6.33 10.10
CA THR B 117 39.30 -5.99 11.10
C THR B 117 40.16 -4.85 10.55
N VAL B 118 40.35 -3.82 11.35
CA VAL B 118 41.10 -2.63 10.96
C VAL B 118 42.32 -2.52 11.86
N SER B 119 43.50 -2.53 11.25
CA SER B 119 44.76 -2.62 11.98
C SER B 119 45.33 -1.24 12.27
N SER B 120 45.78 -1.05 13.50
CA SER B 120 46.44 0.19 13.93
C SER B 120 47.95 0.08 13.83
N LEU B 121 48.46 -0.30 12.67
CA LEU B 121 49.89 -0.43 12.47
C LEU B 121 50.48 0.86 11.89
N GLU B 122 51.78 1.04 12.12
CA GLU B 122 52.47 2.24 11.67
C GLU B 122 53.62 1.89 10.72
#